data_8SP7
#
_entry.id   8SP7
#
_cell.length_a   54.222
_cell.length_b   64.671
_cell.length_c   132.358
_cell.angle_alpha   90.000
_cell.angle_beta   90.000
_cell.angle_gamma   90.000
#
_symmetry.space_group_name_H-M   'C 2 2 21'
#
loop_
_entity.id
_entity.type
_entity.pdbx_description
1 polymer 'LINE-1 retrotransposon endonuclease'
2 non-polymer 'TRANS-4-AMINOMETHYLCYCLOHEXANE-1-CARBOXYLIC ACID'
3 non-polymer 'SULFATE ION'
4 water water
#
_entity_poly.entity_id   1
_entity_poly.type   'polypeptide(L)'
_entity_poly.pdbx_seq_one_letter_code
;MTGSTSHITILTLNINGLNSAIKRHRLASWIKSQDPSVCCIQETHLTCRDTHRLKIKGWRKIYQANGKQKKAGVAILVSD
KTDFKPTKIKRDKEGHYIMVKGSIQQEELTILNIYAPNTGAPRFIKQVLSDLQRDLDSHTLIMGDFNTPLSTLDRSTRQK
VNKDTQELNSALHQADLIDIYRTLHPKSTEYTFFSAPHHTYSKIDHIVGSKALLSKCKRTEIITNYLSDHSAIKLELRI
;
_entity_poly.pdbx_strand_id   A
#
# COMPACT_ATOMS: atom_id res chain seq x y z
N SER A 6 -17.19 -12.86 -5.56
CA SER A 6 -17.27 -12.18 -4.28
C SER A 6 -15.94 -12.21 -3.53
N HIS A 7 -14.86 -12.53 -4.25
CA HIS A 7 -13.51 -12.54 -3.69
C HIS A 7 -12.60 -11.65 -4.53
N ILE A 8 -11.95 -10.69 -3.90
CA ILE A 8 -10.93 -9.90 -4.57
C ILE A 8 -9.67 -9.89 -3.72
N THR A 9 -8.54 -9.89 -4.39
CA THR A 9 -7.24 -9.84 -3.75
C THR A 9 -6.64 -8.47 -4.02
N ILE A 10 -6.07 -7.86 -3.00
CA ILE A 10 -5.41 -6.57 -3.13
C ILE A 10 -3.98 -6.77 -2.68
N LEU A 11 -3.04 -6.29 -3.49
CA LEU A 11 -1.63 -6.59 -3.34
C LEU A 11 -0.90 -5.27 -3.29
N THR A 12 0.09 -5.16 -2.41
CA THR A 12 0.88 -3.94 -2.30
C THR A 12 2.35 -4.29 -2.43
N LEU A 13 3.07 -3.47 -3.20
CA LEU A 13 4.50 -3.67 -3.36
C LEU A 13 5.20 -2.37 -3.67
N ASN A 14 6.25 -2.07 -2.91
CA ASN A 14 7.21 -1.04 -3.27
C ASN A 14 8.13 -1.65 -4.32
N ILE A 15 8.05 -1.16 -5.56
CA ILE A 15 8.70 -1.85 -6.67
C ILE A 15 10.11 -1.35 -6.92
N ASN A 16 10.52 -0.24 -6.30
N ASN A 16 10.52 -0.26 -6.27
CA ASN A 16 11.88 0.25 -6.43
CA ASN A 16 11.87 0.31 -6.38
C ASN A 16 12.19 0.65 -7.88
C ASN A 16 12.19 0.68 -7.83
N GLY A 17 11.39 1.59 -8.38
CA GLY A 17 11.65 2.17 -9.69
C GLY A 17 11.02 1.44 -10.87
N LEU A 18 10.36 2.21 -11.75
CA LEU A 18 9.79 1.69 -12.99
C LEU A 18 10.22 2.49 -14.21
N ASN A 19 11.21 3.37 -14.08
CA ASN A 19 11.51 4.28 -15.17
C ASN A 19 11.93 3.54 -16.43
N SER A 20 12.73 2.48 -16.29
CA SER A 20 13.24 1.77 -17.45
C SER A 20 12.22 0.75 -17.94
N ALA A 21 12.02 0.71 -19.28
CA ALA A 21 11.09 -0.26 -19.87
C ALA A 21 11.42 -1.69 -19.43
N ILE A 22 12.69 -1.98 -19.19
CA ILE A 22 13.07 -3.31 -18.71
C ILE A 22 12.34 -3.62 -17.41
N LYS A 23 12.42 -2.70 -16.45
CA LYS A 23 11.79 -2.95 -15.15
C LYS A 23 10.27 -3.05 -15.27
N ARG A 24 9.67 -2.28 -16.18
CA ARG A 24 8.22 -2.33 -16.35
C ARG A 24 7.78 -3.70 -16.86
N HIS A 25 8.44 -4.20 -17.91
CA HIS A 25 8.16 -5.54 -18.38
C HIS A 25 8.27 -6.56 -17.25
N ARG A 26 9.28 -6.42 -16.39
CA ARG A 26 9.47 -7.37 -15.30
C ARG A 26 8.30 -7.30 -14.30
N LEU A 27 7.90 -6.10 -13.91
CA LEU A 27 6.79 -5.97 -12.98
C LEU A 27 5.53 -6.62 -13.54
N ALA A 28 5.29 -6.43 -14.84
CA ALA A 28 4.06 -6.92 -15.45
C ALA A 28 3.96 -8.44 -15.37
N SER A 29 5.06 -9.14 -15.60
CA SER A 29 5.03 -10.60 -15.52
C SER A 29 4.69 -11.05 -14.10
N TRP A 30 5.28 -10.41 -13.10
CA TRP A 30 5.02 -10.79 -11.71
C TRP A 30 3.55 -10.59 -11.34
N ILE A 31 2.97 -9.47 -11.78
CA ILE A 31 1.55 -9.22 -11.52
C ILE A 31 0.70 -10.29 -12.18
N LYS A 32 0.95 -10.56 -13.47
CA LYS A 32 0.21 -11.60 -14.18
C LYS A 32 0.20 -12.89 -13.36
N SER A 33 1.34 -13.26 -12.81
CA SER A 33 1.40 -14.47 -11.99
C SER A 33 0.53 -14.34 -10.74
N GLN A 34 0.77 -13.30 -9.94
CA GLN A 34 0.01 -13.13 -8.69
C GLN A 34 -1.47 -12.92 -8.93
N ASP A 35 -1.85 -12.45 -10.12
CA ASP A 35 -3.25 -12.23 -10.50
C ASP A 35 -4.06 -11.51 -9.45
N PRO A 36 -3.58 -10.37 -8.93
CA PRO A 36 -4.37 -9.59 -7.99
C PRO A 36 -5.54 -8.90 -8.68
N SER A 37 -6.62 -8.71 -7.91
CA SER A 37 -7.72 -7.89 -8.40
C SER A 37 -7.32 -6.42 -8.46
N VAL A 38 -6.65 -5.94 -7.40
CA VAL A 38 -6.19 -4.56 -7.28
C VAL A 38 -4.75 -4.61 -6.80
N CYS A 39 -3.89 -3.76 -7.37
CA CYS A 39 -2.48 -3.76 -7.01
C CYS A 39 -2.04 -2.34 -6.70
N CYS A 40 -1.48 -2.14 -5.51
CA CYS A 40 -0.91 -0.85 -5.12
C CYS A 40 0.59 -0.93 -5.23
N ILE A 41 1.17 -0.03 -6.03
CA ILE A 41 2.62 0.04 -6.22
C ILE A 41 3.14 1.35 -5.66
N GLN A 42 4.31 1.30 -5.02
CA GLN A 42 5.02 2.48 -4.55
C GLN A 42 6.40 2.59 -5.18
N GLU A 43 6.89 3.83 -5.24
CA GLU A 43 8.19 4.15 -5.83
C GLU A 43 8.24 3.69 -7.28
N THR A 44 7.22 4.06 -8.06
CA THR A 44 7.36 3.95 -9.50
C THR A 44 8.45 4.87 -10.00
N HIS A 45 8.71 5.96 -9.26
CA HIS A 45 9.69 7.00 -9.59
C HIS A 45 9.39 7.70 -10.92
N LEU A 46 8.17 7.55 -11.46
CA LEU A 46 7.82 8.22 -12.70
C LEU A 46 7.43 9.67 -12.44
N THR A 47 8.02 10.59 -13.21
CA THR A 47 7.55 11.96 -13.14
C THR A 47 6.14 12.05 -13.72
N CYS A 48 5.44 13.13 -13.36
CA CYS A 48 4.06 13.33 -13.81
C CYS A 48 3.95 13.42 -15.33
N ARG A 49 5.05 13.60 -16.05
CA ARG A 49 5.05 13.62 -17.51
C ARG A 49 5.39 12.27 -18.12
N ASP A 50 5.61 11.25 -17.30
CA ASP A 50 5.94 9.90 -17.77
C ASP A 50 4.91 8.87 -17.32
N THR A 51 3.81 9.29 -16.71
CA THR A 51 2.83 8.34 -16.20
C THR A 51 2.27 7.45 -17.30
N HIS A 52 2.13 7.98 -18.52
CA HIS A 52 1.67 7.17 -19.64
C HIS A 52 2.58 5.99 -19.92
N ARG A 53 3.82 6.01 -19.43
CA ARG A 53 4.74 4.90 -19.69
C ARG A 53 4.28 3.61 -19.04
N LEU A 54 3.61 3.69 -17.90
CA LEU A 54 3.20 2.50 -17.13
C LEU A 54 1.96 1.89 -17.75
N LYS A 55 2.16 0.87 -18.58
CA LYS A 55 1.09 0.06 -19.14
C LYS A 55 1.38 -1.40 -18.85
N ILE A 56 0.38 -2.11 -18.35
CA ILE A 56 0.49 -3.55 -18.06
C ILE A 56 -0.72 -4.22 -18.67
N LYS A 57 -0.49 -5.08 -19.65
CA LYS A 57 -1.59 -5.84 -20.25
C LYS A 57 -2.37 -6.57 -19.17
N GLY A 58 -3.69 -6.60 -19.31
CA GLY A 58 -4.56 -7.22 -18.33
C GLY A 58 -4.98 -6.32 -17.20
N TRP A 59 -4.28 -5.21 -16.98
CA TRP A 59 -4.62 -4.24 -15.93
C TRP A 59 -4.71 -2.85 -16.58
N ARG A 60 -5.81 -2.63 -17.32
CA ARG A 60 -5.97 -1.43 -18.12
C ARG A 60 -6.32 -0.21 -17.28
N LYS A 61 -7.11 -0.38 -16.23
CA LYS A 61 -7.47 0.73 -15.35
C LYS A 61 -6.31 1.01 -14.40
N ILE A 62 -5.68 2.18 -14.52
CA ILE A 62 -4.53 2.54 -13.68
C ILE A 62 -4.67 4.01 -13.27
N TYR A 63 -4.43 4.29 -12.00
CA TYR A 63 -4.51 5.63 -11.44
C TYR A 63 -3.16 5.94 -10.80
N GLN A 64 -2.56 7.08 -11.18
CA GLN A 64 -1.21 7.38 -10.71
C GLN A 64 -1.13 8.78 -10.10
N ALA A 65 -0.18 8.94 -9.18
CA ALA A 65 0.15 10.23 -8.56
C ALA A 65 1.66 10.39 -8.57
N ASN A 66 2.11 11.54 -9.07
CA ASN A 66 3.52 11.69 -9.35
C ASN A 66 3.93 13.13 -9.10
N GLY A 67 5.08 13.30 -8.47
CA GLY A 67 5.71 14.60 -8.38
C GLY A 67 6.43 14.96 -9.65
N LYS A 68 7.06 16.14 -9.64
CA LYS A 68 7.80 16.68 -10.76
C LYS A 68 9.16 16.02 -10.98
N GLN A 69 9.54 15.04 -10.17
CA GLN A 69 10.87 14.43 -10.29
C GLN A 69 10.78 12.91 -10.22
N LYS A 70 11.90 12.28 -10.53
CA LYS A 70 12.00 10.82 -10.58
C LYS A 70 12.22 10.22 -9.20
N LYS A 71 11.38 10.60 -8.24
CA LYS A 71 11.32 10.00 -6.92
C LYS A 71 9.87 9.81 -6.53
N ALA A 72 9.66 9.04 -5.46
CA ALA A 72 8.31 8.67 -5.05
C ALA A 72 7.53 8.13 -6.24
N GLY A 73 6.24 8.48 -6.32
CA GLY A 73 5.39 8.04 -7.39
C GLY A 73 4.63 6.81 -6.96
N VAL A 74 3.30 6.83 -7.15
CA VAL A 74 2.44 5.72 -6.72
C VAL A 74 1.43 5.40 -7.82
N ALA A 75 0.94 4.17 -7.79
CA ALA A 75 -0.06 3.75 -8.77
C ALA A 75 -0.99 2.71 -8.16
N ILE A 76 -2.24 2.76 -8.58
CA ILE A 76 -3.22 1.73 -8.27
C ILE A 76 -3.68 1.15 -9.61
N LEU A 77 -3.44 -0.15 -9.80
CA LEU A 77 -3.84 -0.88 -10.99
C LEU A 77 -5.03 -1.78 -10.68
N VAL A 78 -6.02 -1.82 -11.58
CA VAL A 78 -7.19 -2.66 -11.37
C VAL A 78 -7.30 -3.66 -12.50
N SER A 79 -7.55 -4.92 -12.14
CA SER A 79 -7.66 -6.00 -13.09
C SER A 79 -8.84 -5.80 -14.04
N ASP A 80 -8.64 -6.16 -15.31
CA ASP A 80 -9.74 -6.07 -16.27
C ASP A 80 -10.90 -6.98 -15.88
N LYS A 81 -10.63 -8.03 -15.10
CA LYS A 81 -11.68 -8.95 -14.65
C LYS A 81 -12.45 -8.42 -13.44
N THR A 82 -12.04 -7.29 -12.89
CA THR A 82 -12.63 -6.73 -11.70
C THR A 82 -13.47 -5.51 -12.06
N ASP A 83 -14.72 -5.50 -11.61
CA ASP A 83 -15.63 -4.39 -11.84
C ASP A 83 -15.44 -3.37 -10.73
N PHE A 84 -14.39 -2.57 -10.85
CA PHE A 84 -14.20 -1.41 -10.00
C PHE A 84 -14.66 -0.18 -10.76
N LYS A 85 -15.64 0.53 -10.20
CA LYS A 85 -16.18 1.74 -10.81
C LYS A 85 -15.74 2.94 -9.98
N PRO A 86 -14.75 3.71 -10.42
CA PRO A 86 -14.25 4.80 -9.57
C PRO A 86 -15.25 5.94 -9.43
N THR A 87 -15.28 6.56 -8.25
CA THR A 87 -16.08 7.75 -8.03
C THR A 87 -15.27 8.95 -7.59
N LYS A 88 -14.12 8.73 -6.95
CA LYS A 88 -13.27 9.84 -6.55
C LYS A 88 -11.83 9.39 -6.63
N ILE A 89 -10.97 10.24 -7.18
CA ILE A 89 -9.53 10.00 -7.14
C ILE A 89 -8.86 11.27 -6.65
N LYS A 90 -7.97 11.13 -5.66
CA LYS A 90 -7.25 12.26 -5.10
C LYS A 90 -5.78 11.91 -5.17
N ARG A 91 -5.00 12.76 -5.86
CA ARG A 91 -3.58 12.48 -6.08
C ARG A 91 -2.72 13.50 -5.34
N ASP A 92 -1.72 13.01 -4.62
CA ASP A 92 -0.72 13.86 -4.02
C ASP A 92 0.06 14.60 -5.11
N LYS A 93 0.10 15.93 -4.99
CA LYS A 93 0.96 16.76 -5.85
C LYS A 93 2.41 16.26 -5.84
N GLU A 94 2.87 15.72 -4.71
CA GLU A 94 4.24 15.26 -4.51
C GLU A 94 4.44 13.77 -4.82
N GLY A 95 3.39 13.06 -5.20
CA GLY A 95 3.57 11.69 -5.61
C GLY A 95 3.74 10.70 -4.48
N HIS A 96 3.35 11.04 -3.26
CA HIS A 96 3.51 10.14 -2.12
C HIS A 96 2.23 9.38 -1.77
N TYR A 97 1.09 9.74 -2.35
CA TYR A 97 -0.09 8.92 -2.12
C TYR A 97 -1.09 9.15 -3.24
N ILE A 98 -2.00 8.21 -3.37
CA ILE A 98 -3.17 8.36 -4.22
C ILE A 98 -4.30 7.63 -3.54
N MET A 99 -5.49 8.26 -3.52
CA MET A 99 -6.70 7.66 -2.98
C MET A 99 -7.66 7.41 -4.11
N VAL A 100 -8.19 6.20 -4.19
CA VAL A 100 -9.25 5.88 -5.13
C VAL A 100 -10.43 5.35 -4.33
N LYS A 101 -11.59 5.95 -4.54
CA LYS A 101 -12.85 5.43 -4.03
C LYS A 101 -13.62 4.87 -5.21
N GLY A 102 -14.32 3.78 -4.98
CA GLY A 102 -15.16 3.25 -6.03
C GLY A 102 -16.05 2.17 -5.49
N SER A 103 -16.68 1.45 -6.39
CA SER A 103 -17.54 0.35 -5.98
C SER A 103 -17.17 -0.91 -6.75
N ILE A 104 -17.29 -2.05 -6.08
CA ILE A 104 -17.20 -3.37 -6.71
C ILE A 104 -18.50 -4.07 -6.40
N GLN A 105 -19.25 -4.41 -7.45
CA GLN A 105 -20.53 -5.11 -7.30
C GLN A 105 -21.38 -4.48 -6.19
N GLN A 106 -21.58 -3.16 -6.31
CA GLN A 106 -22.43 -2.42 -5.38
C GLN A 106 -21.86 -2.38 -3.96
N GLU A 107 -20.55 -2.53 -3.81
CA GLU A 107 -19.91 -2.46 -2.50
C GLU A 107 -18.82 -1.41 -2.54
N GLU A 108 -18.94 -0.38 -1.70
CA GLU A 108 -18.00 0.74 -1.73
C GLU A 108 -16.67 0.35 -1.13
N LEU A 109 -15.59 0.74 -1.79
CA LEU A 109 -14.27 0.54 -1.21
C LEU A 109 -13.45 1.79 -1.44
N THR A 110 -12.62 2.16 -0.47
CA THR A 110 -11.72 3.29 -0.58
C THR A 110 -10.32 2.76 -0.34
N ILE A 111 -9.40 3.03 -1.27
CA ILE A 111 -8.04 2.52 -1.19
C ILE A 111 -7.11 3.72 -1.18
N LEU A 112 -6.30 3.84 -0.13
CA LEU A 112 -5.31 4.91 -0.03
C LEU A 112 -3.95 4.23 -0.08
N ASN A 113 -3.24 4.44 -1.19
CA ASN A 113 -1.93 3.86 -1.44
C ASN A 113 -0.91 4.91 -1.03
N ILE A 114 -0.03 4.59 -0.10
CA ILE A 114 0.89 5.61 0.38
C ILE A 114 2.33 5.11 0.33
N TYR A 115 3.22 6.02 0.02
CA TYR A 115 4.65 5.84 0.15
C TYR A 115 5.12 6.93 1.08
N ALA A 116 5.51 6.54 2.28
CA ALA A 116 5.98 7.62 3.14
C ALA A 116 7.49 7.84 2.95
N PRO A 117 7.98 9.04 3.15
CA PRO A 117 9.43 9.29 3.00
C PRO A 117 10.23 8.62 4.11
N ASN A 118 11.54 8.48 3.86
CA ASN A 118 12.39 7.79 4.83
C ASN A 118 12.53 8.58 6.13
N THR A 119 12.49 9.90 6.06
CA THR A 119 12.68 10.74 7.24
C THR A 119 11.31 11.24 7.71
N GLY A 120 11.03 11.05 8.99
CA GLY A 120 9.76 11.49 9.56
C GLY A 120 8.54 10.75 9.05
N ALA A 121 8.66 9.41 8.89
CA ALA A 121 7.57 8.66 8.27
C ALA A 121 6.27 8.74 9.06
N PRO A 122 6.23 8.38 10.35
CA PRO A 122 4.93 8.35 11.05
C PRO A 122 4.23 9.69 11.15
N ARG A 123 5.00 10.78 11.33
CA ARG A 123 4.40 12.10 11.29
C ARG A 123 3.77 12.37 9.93
N PHE A 124 4.44 11.96 8.85
CA PHE A 124 3.93 12.22 7.52
C PHE A 124 2.60 11.51 7.29
N ILE A 125 2.49 10.26 7.74
CA ILE A 125 1.26 9.51 7.56
C ILE A 125 0.13 10.13 8.36
N LYS A 126 0.40 10.50 9.61
CA LYS A 126 -0.62 11.15 10.43
C LYS A 126 -1.13 12.41 9.75
N GLN A 127 -0.24 13.17 9.10
CA GLN A 127 -0.65 14.38 8.39
C GLN A 127 -1.57 14.07 7.23
N VAL A 128 -1.25 13.02 6.45
CA VAL A 128 -2.10 12.64 5.33
C VAL A 128 -3.46 12.20 5.83
N LEU A 129 -3.50 11.42 6.92
CA LEU A 129 -4.76 11.04 7.53
C LEU A 129 -5.61 12.27 7.85
N SER A 130 -5.00 13.28 8.44
CA SER A 130 -5.71 14.52 8.73
C SER A 130 -6.16 15.20 7.45
N ASP A 131 -5.24 15.36 6.49
CA ASP A 131 -5.60 16.03 5.24
C ASP A 131 -6.80 15.35 4.58
N LEU A 132 -6.89 14.03 4.67
CA LEU A 132 -7.95 13.28 4.02
C LEU A 132 -9.02 12.79 4.99
N GLN A 133 -9.08 13.36 6.19
CA GLN A 133 -10.02 12.86 7.19
C GLN A 133 -11.45 12.83 6.64
N ARG A 134 -11.77 13.76 5.74
CA ARG A 134 -13.09 13.77 5.13
C ARG A 134 -13.35 12.56 4.24
N ASP A 135 -12.31 11.93 3.70
CA ASP A 135 -12.47 10.84 2.74
C ASP A 135 -12.40 9.45 3.37
N LEU A 136 -12.01 9.34 4.64
CA LEU A 136 -11.94 8.04 5.27
C LEU A 136 -13.32 7.61 5.72
N ASP A 137 -13.59 6.31 5.65
CA ASP A 137 -14.91 5.81 6.00
C ASP A 137 -14.75 4.42 6.61
N SER A 138 -15.85 3.67 6.69
CA SER A 138 -15.81 2.34 7.30
C SER A 138 -15.42 1.25 6.33
N HIS A 139 -15.19 1.58 5.06
CA HIS A 139 -14.69 0.62 4.07
C HIS A 139 -13.40 1.15 3.45
N THR A 140 -12.44 1.51 4.30
CA THR A 140 -11.19 2.12 3.88
C THR A 140 -10.03 1.17 4.13
N LEU A 141 -9.17 1.02 3.12
CA LEU A 141 -7.89 0.33 3.23
C LEU A 141 -6.79 1.34 3.00
N ILE A 142 -5.79 1.35 3.88
CA ILE A 142 -4.61 2.19 3.71
C ILE A 142 -3.44 1.23 3.58
N MET A 143 -2.82 1.18 2.41
CA MET A 143 -1.77 0.19 2.19
C MET A 143 -0.55 0.84 1.58
N GLY A 144 0.61 0.29 1.87
CA GLY A 144 1.79 0.69 1.14
C GLY A 144 3.02 0.61 2.01
N ASP A 145 4.02 1.40 1.61
CA ASP A 145 5.31 1.44 2.29
C ASP A 145 5.26 2.62 3.27
N PHE A 146 4.91 2.32 4.52
CA PHE A 146 4.86 3.30 5.59
C PHE A 146 6.25 3.74 6.04
N ASN A 147 7.30 3.00 5.64
CA ASN A 147 8.65 3.28 6.09
C ASN A 147 8.76 3.32 7.59
N THR A 148 7.92 2.55 8.27
CA THR A 148 7.97 2.49 9.72
C THR A 148 7.24 1.25 10.20
N PRO A 149 7.73 0.61 11.28
CA PRO A 149 6.91 -0.39 11.96
C PRO A 149 5.75 0.28 12.67
N LEU A 150 4.72 -0.50 12.96
CA LEU A 150 3.63 0.00 13.79
C LEU A 150 3.65 -0.58 15.20
N SER A 151 4.30 -1.72 15.43
CA SER A 151 4.51 -2.24 16.77
C SER A 151 5.87 -2.91 16.87
N THR A 152 6.21 -3.30 18.10
CA THR A 152 7.51 -3.93 18.32
C THR A 152 7.67 -5.20 17.48
N LEU A 153 6.59 -5.96 17.28
CA LEU A 153 6.77 -7.22 16.56
C LEU A 153 7.12 -7.02 15.09
N ASP A 154 6.95 -5.81 14.58
CA ASP A 154 7.34 -5.49 13.21
C ASP A 154 8.86 -5.39 13.04
N ARG A 155 9.62 -5.45 14.14
CA ARG A 155 11.07 -5.39 14.06
C ARG A 155 11.68 -6.67 14.63
N SER A 156 12.64 -7.25 13.90
CA SER A 156 13.37 -8.39 14.42
C SER A 156 14.06 -8.07 15.75
N THR A 157 14.33 -6.79 16.03
CA THR A 157 14.90 -6.40 17.32
C THR A 157 13.85 -6.21 18.39
N ARG A 158 12.59 -6.09 18.00
CA ARG A 158 11.48 -5.78 18.91
C ARG A 158 11.73 -4.48 19.68
N GLN A 159 12.48 -3.57 19.08
CA GLN A 159 12.69 -2.25 19.65
C GLN A 159 11.36 -1.49 19.79
N LYS A 160 11.16 -0.87 20.94
CA LYS A 160 9.95 -0.09 21.16
C LYS A 160 9.77 0.92 20.04
N VAL A 161 8.52 1.11 19.57
CA VAL A 161 8.27 2.16 18.58
C VAL A 161 8.23 3.51 19.28
N ASN A 162 8.65 4.55 18.55
CA ASN A 162 8.83 5.88 19.11
C ASN A 162 7.50 6.59 19.30
N LYS A 163 7.56 7.73 20.00
CA LYS A 163 6.35 8.49 20.32
C LYS A 163 5.55 8.82 19.06
N ASP A 164 6.22 9.31 18.02
CA ASP A 164 5.54 9.65 16.77
C ASP A 164 4.73 8.46 16.26
N THR A 165 5.36 7.29 16.17
CA THR A 165 4.64 6.09 15.76
C THR A 165 3.46 5.82 16.68
N GLN A 166 3.65 6.02 17.99
CA GLN A 166 2.55 5.82 18.93
C GLN A 166 1.41 6.81 18.65
N GLU A 167 1.75 8.04 18.27
CA GLU A 167 0.72 9.01 17.90
C GLU A 167 0.01 8.58 16.62
N LEU A 168 0.78 8.20 15.60
CA LEU A 168 0.16 7.66 14.39
C LEU A 168 -0.78 6.52 14.74
N ASN A 169 -0.37 5.64 15.64
CA ASN A 169 -1.24 4.54 16.03
C ASN A 169 -2.52 5.03 16.70
N SER A 170 -2.44 6.13 17.44
CA SER A 170 -3.64 6.64 18.11
C SER A 170 -4.58 7.29 17.11
N ALA A 171 -4.03 8.12 16.21
CA ALA A 171 -4.84 8.72 15.16
C ALA A 171 -5.54 7.65 14.33
N LEU A 172 -4.87 6.53 14.07
CA LEU A 172 -5.49 5.44 13.35
C LEU A 172 -6.71 4.91 14.12
N HIS A 173 -6.55 4.68 15.42
CA HIS A 173 -7.64 4.11 16.21
C HIS A 173 -8.79 5.10 16.40
N GLN A 174 -8.49 6.39 16.48
CA GLN A 174 -9.56 7.39 16.51
C GLN A 174 -10.48 7.25 15.31
N ALA A 175 -9.91 6.91 14.14
CA ALA A 175 -10.67 6.73 12.92
C ALA A 175 -11.17 5.29 12.74
N ASP A 176 -11.06 4.46 13.78
CA ASP A 176 -11.52 3.07 13.71
C ASP A 176 -10.80 2.29 12.62
N LEU A 177 -9.52 2.61 12.44
CA LEU A 177 -8.63 1.91 11.52
C LEU A 177 -7.67 1.04 12.33
N ILE A 178 -7.38 -0.16 11.83
CA ILE A 178 -6.55 -1.12 12.52
C ILE A 178 -5.52 -1.67 11.55
N ASP A 179 -4.42 -2.19 12.11
CA ASP A 179 -3.47 -2.96 11.31
C ASP A 179 -4.11 -4.32 11.02
N ILE A 180 -4.53 -4.53 9.77
CA ILE A 180 -5.26 -5.76 9.45
C ILE A 180 -4.33 -6.97 9.49
N TYR A 181 -3.12 -6.83 8.96
CA TYR A 181 -2.17 -7.93 9.09
C TYR A 181 -1.95 -8.31 10.55
N ARG A 182 -1.64 -7.32 11.39
CA ARG A 182 -1.34 -7.63 12.79
C ARG A 182 -2.56 -8.19 13.52
N THR A 183 -3.77 -7.80 13.10
CA THR A 183 -4.98 -8.28 13.77
C THR A 183 -5.25 -9.74 13.44
N LEU A 184 -5.04 -10.13 12.19
CA LEU A 184 -5.09 -11.53 11.77
C LEU A 184 -3.90 -12.35 12.27
N HIS A 185 -2.78 -11.71 12.61
CA HIS A 185 -1.54 -12.42 12.92
C HIS A 185 -0.85 -11.76 14.11
N PRO A 186 -1.49 -11.82 15.28
CA PRO A 186 -1.01 -11.00 16.41
C PRO A 186 0.35 -11.41 16.93
N LYS A 187 0.81 -12.64 16.65
CA LYS A 187 2.07 -13.14 17.17
C LYS A 187 3.12 -13.34 16.09
N SER A 188 2.77 -13.08 14.83
CA SER A 188 3.67 -13.41 13.73
C SER A 188 4.89 -12.49 13.70
N THR A 189 5.99 -13.04 13.22
CA THR A 189 7.27 -12.35 13.09
C THR A 189 7.67 -12.44 11.62
N GLU A 190 6.95 -11.72 10.79
CA GLU A 190 7.19 -11.70 9.36
C GLU A 190 7.66 -10.31 8.97
N TYR A 191 8.56 -10.24 8.00
CA TYR A 191 9.17 -8.96 7.68
C TYR A 191 9.01 -8.68 6.19
N THR A 192 9.13 -7.40 5.83
CA THR A 192 9.04 -7.03 4.43
C THR A 192 10.28 -6.29 3.93
N PHE A 193 11.22 -5.98 4.81
CA PHE A 193 12.43 -5.27 4.45
C PHE A 193 13.56 -5.88 5.28
N PHE A 194 14.58 -6.38 4.59
CA PHE A 194 15.54 -7.27 5.23
C PHE A 194 16.94 -6.66 5.29
N SER A 195 17.03 -5.34 5.15
CA SER A 195 18.28 -4.60 5.25
C SER A 195 18.15 -3.48 6.28
N ALA A 196 17.46 -3.75 7.38
CA ALA A 196 17.38 -2.72 8.41
C ALA A 196 18.77 -2.54 9.02
N PRO A 197 18.94 -1.58 9.93
CA PRO A 197 20.30 -1.13 10.29
C PRO A 197 21.34 -2.23 10.49
N HIS A 198 21.41 -2.77 11.71
CA HIS A 198 22.54 -3.62 12.10
C HIS A 198 22.23 -5.09 11.79
N HIS A 199 22.14 -5.39 10.49
CA HIS A 199 21.74 -6.73 10.06
C HIS A 199 20.36 -7.08 10.64
N THR A 200 19.40 -6.18 10.49
CA THR A 200 18.08 -6.41 11.07
C THR A 200 17.01 -6.37 9.99
N TYR A 201 15.82 -6.78 10.38
CA TYR A 201 14.68 -6.94 9.50
C TYR A 201 13.48 -6.22 10.10
N SER A 202 12.60 -5.71 9.25
CA SER A 202 11.43 -5.05 9.81
C SER A 202 10.29 -5.11 8.82
N LYS A 203 9.09 -4.99 9.35
CA LYS A 203 7.88 -4.96 8.55
C LYS A 203 7.47 -3.49 8.44
N ILE A 204 7.84 -2.86 7.33
CA ILE A 204 7.57 -1.45 7.11
C ILE A 204 6.48 -1.24 6.06
N ASP A 205 6.06 -2.29 5.38
CA ASP A 205 4.89 -2.27 4.53
C ASP A 205 3.70 -2.75 5.33
N HIS A 206 2.55 -2.16 5.05
CA HIS A 206 1.40 -2.37 5.92
C HIS A 206 0.11 -2.44 5.13
N ILE A 207 -0.84 -3.18 5.67
CA ILE A 207 -2.23 -3.09 5.24
C ILE A 207 -3.03 -2.69 6.46
N VAL A 208 -3.45 -1.42 6.50
CA VAL A 208 -4.34 -0.90 7.52
C VAL A 208 -5.73 -0.77 6.94
N GLY A 209 -6.76 -0.92 7.79
CA GLY A 209 -8.12 -0.85 7.26
C GLY A 209 -9.16 -0.63 8.33
N SER A 210 -10.36 -0.28 7.86
CA SER A 210 -11.49 -0.08 8.75
C SER A 210 -11.79 -1.35 9.53
N LYS A 211 -12.11 -1.17 10.81
CA LYS A 211 -12.55 -2.29 11.64
C LYS A 211 -13.71 -3.03 11.00
N ALA A 212 -14.63 -2.32 10.36
CA ALA A 212 -15.77 -2.97 9.73
C ALA A 212 -15.37 -3.85 8.56
N LEU A 213 -14.17 -3.68 8.01
CA LEU A 213 -13.71 -4.57 6.95
C LEU A 213 -13.19 -5.90 7.49
N LEU A 214 -12.89 -6.00 8.80
CA LEU A 214 -12.37 -7.25 9.35
C LEU A 214 -13.24 -8.44 8.98
N SER A 215 -14.55 -8.31 9.13
CA SER A 215 -15.46 -9.40 8.78
C SER A 215 -15.24 -9.90 7.35
N LYS A 216 -14.63 -9.10 6.49
CA LYS A 216 -14.41 -9.48 5.10
C LYS A 216 -13.01 -10.02 4.82
N CYS A 217 -12.09 -9.96 5.77
CA CYS A 217 -10.69 -10.33 5.54
C CYS A 217 -10.49 -11.84 5.69
N LYS A 218 -10.29 -12.53 4.58
CA LYS A 218 -10.15 -13.98 4.59
C LYS A 218 -8.71 -14.43 4.81
N ARG A 219 -7.74 -13.62 4.42
CA ARG A 219 -6.36 -14.07 4.49
C ARG A 219 -5.44 -12.92 4.13
N THR A 220 -4.25 -12.95 4.70
CA THR A 220 -3.17 -12.07 4.29
C THR A 220 -1.94 -12.94 4.08
N GLU A 221 -1.04 -12.46 3.24
CA GLU A 221 0.13 -13.24 2.86
C GLU A 221 1.25 -12.26 2.56
N ILE A 222 2.41 -12.49 3.13
CA ILE A 222 3.59 -11.70 2.77
C ILE A 222 4.35 -12.49 1.72
N ILE A 223 4.67 -11.83 0.61
CA ILE A 223 5.20 -12.50 -0.57
C ILE A 223 6.60 -11.95 -0.81
N THR A 224 7.61 -12.68 -0.34
CA THR A 224 8.99 -12.32 -0.69
C THR A 224 9.19 -12.54 -2.18
N ASN A 225 10.11 -11.78 -2.77
CA ASN A 225 10.23 -11.78 -4.22
C ASN A 225 11.66 -11.40 -4.60
N TYR A 226 11.95 -11.53 -5.89
CA TYR A 226 13.25 -11.17 -6.45
C TYR A 226 13.20 -9.87 -7.26
N LEU A 227 12.06 -9.16 -7.27
CA LEU A 227 11.92 -7.93 -8.02
C LEU A 227 12.40 -6.70 -7.26
N SER A 228 12.28 -6.72 -5.94
CA SER A 228 12.37 -5.51 -5.15
C SER A 228 13.20 -5.79 -3.91
N ASP A 229 13.54 -4.73 -3.17
CA ASP A 229 14.08 -4.89 -1.83
C ASP A 229 12.99 -4.91 -0.76
N HIS A 230 11.72 -4.97 -1.17
CA HIS A 230 10.56 -5.10 -0.30
C HIS A 230 9.74 -6.31 -0.70
N SER A 231 9.26 -7.06 0.29
CA SER A 231 8.26 -8.09 0.04
C SER A 231 6.90 -7.45 -0.17
N ALA A 232 6.07 -8.12 -0.93
CA ALA A 232 4.71 -7.64 -1.16
C ALA A 232 3.80 -8.17 -0.07
N ILE A 233 2.65 -7.51 0.11
CA ILE A 233 1.63 -8.03 1.01
C ILE A 233 0.34 -8.19 0.24
N LYS A 234 -0.31 -9.33 0.42
CA LYS A 234 -1.57 -9.64 -0.26
C LYS A 234 -2.68 -9.74 0.78
N LEU A 235 -3.84 -9.17 0.46
CA LEU A 235 -5.03 -9.30 1.28
C LEU A 235 -6.15 -9.88 0.44
N GLU A 236 -6.79 -10.94 0.94
CA GLU A 236 -7.97 -11.52 0.31
C GLU A 236 -9.22 -11.03 1.02
N LEU A 237 -10.15 -10.46 0.25
CA LEU A 237 -11.31 -9.73 0.78
C LEU A 237 -12.60 -10.33 0.23
N ARG A 238 -13.58 -10.57 1.11
CA ARG A 238 -14.88 -11.11 0.72
C ARG A 238 -15.89 -9.97 0.55
N ILE A 239 -16.24 -9.66 -0.70
CA ILE A 239 -17.10 -8.53 -1.02
C ILE A 239 -18.58 -8.89 -0.92
#